data_7KDO
#
_entry.id   7KDO
#
_cell.length_a   53.010
_cell.length_b   70.091
_cell.length_c   36.271
_cell.angle_alpha   90.000
_cell.angle_beta   90.000
_cell.angle_gamma   90.000
#
_symmetry.space_group_name_H-M   'P 21 21 2'
#
loop_
_entity.id
_entity.type
_entity.pdbx_description
1 polymer '2-amino-4-hydroxy-6-hydroxymethyldihydropteridine pyrophosphokinase'
2 non-polymer "5'-S-[(2R,4R)-1-{2-[(2-amino-7,7-dimethyl-4-oxo-3,4,7,8-tetrahydropteridine-6-carbonyl)amino]ethyl}-2-carboxypiperidin-4-yl]-5'-thioadenosine"
3 water water
#
_entity_poly.entity_id   1
_entity_poly.type   'polypeptide(L)'
_entity_poly.pdbx_seq_one_letter_code
;TVAYIAIGSNLASPLEQVNAALKALGDIPESHILTVSSFYRTPPLGPQDQPDYLNAAVALETSLAPEELLNHTQRIELQQ
GRVRKAERWGPRTLDLDIMLFGNEVINTERLTVPHYDMKNRGFMLWPLFEIAPELVFPDGEMLRQILHTRAFDKLNKW
;
_entity_poly.pdbx_strand_id   A
#
loop_
_chem_comp.id
_chem_comp.type
_chem_comp.name
_chem_comp.formula
H73 non-polymer 5'-S-[(2R,4R)-1-{2-[(2-amino-7,7-dimethyl-4-oxo-3,4,7,8-tetrahydropteridine-6-carbonyl)amino]ethyl}-2-carboxypiperidin-4-yl]-5'-thioadenosine 'C27 H36 N12 O7 S'
#
# COMPACT_ATOMS: atom_id res chain seq x y z
N THR A 1 -2.32 -7.78 -15.46
CA THR A 1 -1.17 -7.38 -14.59
C THR A 1 -1.55 -7.46 -13.12
N VAL A 2 -0.63 -7.91 -12.29
CA VAL A 2 -0.82 -7.86 -10.85
C VAL A 2 -0.18 -6.59 -10.33
N ALA A 3 -1.00 -5.71 -9.75
CA ALA A 3 -0.54 -4.52 -9.06
C ALA A 3 -0.63 -4.76 -7.56
N TYR A 4 0.35 -4.26 -6.82
CA TYR A 4 0.33 -4.34 -5.37
C TYR A 4 0.08 -2.95 -4.81
N ILE A 5 -0.98 -2.82 -4.02
CA ILE A 5 -1.42 -1.53 -3.49
C ILE A 5 -1.30 -1.55 -1.98
N ALA A 6 -0.69 -0.53 -1.42
CA ALA A 6 -0.67 -0.31 0.02
C ALA A 6 -1.84 0.56 0.44
N ILE A 7 -2.47 0.19 1.55
CA ILE A 7 -3.56 0.97 2.14
C ILE A 7 -3.10 1.48 3.50
N GLY A 8 -3.43 2.74 3.78
CA GLY A 8 -3.20 3.31 5.10
C GLY A 8 -4.31 4.24 5.55
N SER A 9 -4.63 4.19 6.84
CA SER A 9 -5.55 5.13 7.46
C SER A 9 -5.23 5.22 8.94
N ASN A 10 -5.31 6.42 9.51
CA ASN A 10 -5.20 6.51 10.96
C ASN A 10 -6.35 7.32 11.53
N LEU A 11 -7.55 7.11 10.99
CA LEU A 11 -8.76 7.36 11.75
C LEU A 11 -8.70 6.56 13.04
N ALA A 12 -9.41 7.05 14.07
CA ALA A 12 -9.40 6.37 15.36
C ALA A 12 -10.05 4.99 15.25
N SER A 13 -11.13 4.87 14.47
CA SER A 13 -11.76 3.59 14.17
C SER A 13 -11.76 3.43 12.66
N PRO A 14 -10.66 2.92 12.08
CA PRO A 14 -10.51 2.93 10.62
C PRO A 14 -11.04 1.71 9.88
N LEU A 15 -11.64 0.75 10.57
CA LEU A 15 -12.00 -0.51 9.92
C LEU A 15 -13.05 -0.30 8.83
N GLU A 16 -14.07 0.51 9.10
N GLU A 16 -14.07 0.51 9.11
CA GLU A 16 -15.10 0.74 8.08
CA GLU A 16 -15.10 0.78 8.12
C GLU A 16 -14.52 1.50 6.89
C GLU A 16 -14.54 1.51 6.91
N GLN A 17 -13.63 2.46 7.15
CA GLN A 17 -12.98 3.18 6.07
C GLN A 17 -12.16 2.25 5.20
N VAL A 18 -11.36 1.38 5.83
CA VAL A 18 -10.52 0.46 5.08
C VAL A 18 -11.38 -0.52 4.30
N ASN A 19 -12.45 -1.02 4.91
CA ASN A 19 -13.30 -1.97 4.18
C ASN A 19 -13.99 -1.29 3.01
N ALA A 20 -14.44 -0.04 3.18
CA ALA A 20 -15.03 0.68 2.05
C ALA A 20 -14.01 0.87 0.93
N ALA A 21 -12.77 1.19 1.29
CA ALA A 21 -11.71 1.32 0.28
C ALA A 21 -11.44 -0.01 -0.40
N LEU A 22 -11.41 -1.10 0.38
CA LEU A 22 -11.19 -2.41 -0.21
C LEU A 22 -12.31 -2.76 -1.19
N LYS A 23 -13.57 -2.50 -0.80
CA LYS A 23 -14.65 -2.75 -1.74
C LYS A 23 -14.50 -1.88 -2.98
N ALA A 24 -14.14 -0.61 -2.80
CA ALA A 24 -13.96 0.29 -3.93
C ALA A 24 -12.87 -0.21 -4.86
N LEU A 25 -11.77 -0.71 -4.30
CA LEU A 25 -10.69 -1.25 -5.13
C LEU A 25 -11.19 -2.41 -5.98
N GLY A 26 -11.97 -3.31 -5.37
CA GLY A 26 -12.53 -4.42 -6.12
C GLY A 26 -13.53 -4.00 -7.18
N ASP A 27 -14.16 -2.84 -7.02
CA ASP A 27 -15.12 -2.33 -7.97
C ASP A 27 -14.47 -1.55 -9.11
N ILE A 28 -13.16 -1.35 -9.07
CA ILE A 28 -12.47 -0.69 -10.20
C ILE A 28 -12.72 -1.50 -11.47
N PRO A 29 -13.02 -0.86 -12.60
CA PRO A 29 -13.25 -1.62 -13.83
C PRO A 29 -12.06 -2.46 -14.23
N GLU A 30 -12.36 -3.60 -14.85
CA GLU A 30 -11.35 -4.50 -15.40
C GLU A 30 -10.35 -4.96 -14.34
N SER A 31 -10.77 -5.02 -13.08
CA SER A 31 -9.88 -5.35 -11.98
C SER A 31 -10.62 -6.14 -10.93
N HIS A 32 -9.88 -6.96 -10.18
CA HIS A 32 -10.44 -7.62 -9.02
C HIS A 32 -9.31 -7.97 -8.05
N ILE A 33 -9.69 -8.08 -6.78
CA ILE A 33 -8.73 -8.36 -5.71
C ILE A 33 -8.38 -9.83 -5.73
N LEU A 34 -7.08 -10.13 -5.76
CA LEU A 34 -6.61 -11.50 -5.64
C LEU A 34 -6.37 -11.92 -4.21
N THR A 35 -5.81 -11.03 -3.40
CA THR A 35 -5.47 -11.33 -2.02
C THR A 35 -5.37 -10.04 -1.23
N VAL A 36 -5.66 -10.13 0.06
CA VAL A 36 -5.50 -9.03 1.00
C VAL A 36 -4.66 -9.51 2.17
N SER A 37 -3.71 -8.68 2.59
CA SER A 37 -2.94 -9.01 3.77
C SER A 37 -3.81 -8.89 5.02
N SER A 38 -3.28 -9.36 6.15
CA SER A 38 -3.84 -8.99 7.43
C SER A 38 -3.82 -7.47 7.59
N PHE A 39 -4.68 -6.97 8.48
CA PHE A 39 -4.59 -5.59 8.91
C PHE A 39 -3.57 -5.46 10.03
N TYR A 40 -2.74 -4.43 9.95
CA TYR A 40 -1.67 -4.20 10.92
C TYR A 40 -1.81 -2.84 11.58
N ARG A 41 -1.57 -2.81 12.89
CA ARG A 41 -1.57 -1.56 13.67
C ARG A 41 -0.12 -1.10 13.78
N THR A 42 0.19 0.02 13.12
CA THR A 42 1.56 0.49 13.08
C THR A 42 1.69 1.84 13.75
N PRO A 43 2.78 2.09 14.46
CA PRO A 43 2.99 3.40 15.07
C PRO A 43 3.22 4.45 14.04
N PRO A 44 2.75 5.68 14.23
CA PRO A 44 2.84 6.70 13.19
C PRO A 44 4.29 6.99 12.82
N LEU A 45 4.59 7.11 11.52
CA LEU A 45 5.87 7.63 11.01
C LEU A 45 5.63 9.14 10.95
N GLY A 46 6.48 9.91 11.57
CA GLY A 46 6.14 11.32 11.78
C GLY A 46 5.82 11.54 13.25
N PRO A 47 5.04 12.58 13.63
CA PRO A 47 4.79 12.86 15.01
C PRO A 47 4.10 11.72 15.78
N GLN A 48 4.45 11.54 17.06
CA GLN A 48 3.91 10.48 17.95
C GLN A 48 2.49 10.80 18.43
N ASP A 49 2.11 12.06 18.38
CA ASP A 49 0.84 12.68 18.84
C ASP A 49 -0.32 12.48 17.88
N GLN A 50 -0.65 11.24 17.49
CA GLN A 50 -1.77 10.95 16.57
C GLN A 50 -2.09 9.46 16.68
N PRO A 51 -3.26 8.95 16.26
CA PRO A 51 -3.50 7.54 16.45
C PRO A 51 -2.57 6.66 15.62
N ASP A 52 -2.53 5.37 15.93
CA ASP A 52 -1.82 4.40 15.12
C ASP A 52 -2.49 4.27 13.75
N TYR A 53 -1.74 3.77 12.80
CA TYR A 53 -2.26 3.52 11.46
C TYR A 53 -2.72 2.08 11.33
N LEU A 54 -3.75 1.88 10.53
CA LEU A 54 -4.06 0.58 9.97
C LEU A 54 -3.40 0.53 8.60
N ASN A 55 -2.50 -0.44 8.40
CA ASN A 55 -1.84 -0.64 7.13
C ASN A 55 -2.13 -2.04 6.62
N ALA A 56 -2.25 -2.17 5.31
CA ALA A 56 -2.48 -3.45 4.66
C ALA A 56 -1.97 -3.39 3.23
N ALA A 57 -1.83 -4.55 2.62
CA ALA A 57 -1.42 -4.70 1.24
C ALA A 57 -2.47 -5.48 0.48
N VAL A 58 -2.67 -5.12 -0.78
CA VAL A 58 -3.66 -5.73 -1.65
C VAL A 58 -2.98 -6.12 -2.95
N ALA A 59 -3.17 -7.36 -3.38
CA ALA A 59 -2.81 -7.78 -4.73
C ALA A 59 -4.04 -7.59 -5.62
N LEU A 60 -3.93 -6.73 -6.62
CA LEU A 60 -5.05 -6.42 -7.50
C LEU A 60 -4.70 -6.84 -8.93
N GLU A 61 -5.48 -7.77 -9.47
CA GLU A 61 -5.38 -8.10 -10.88
C GLU A 61 -6.07 -7.01 -11.69
N THR A 62 -5.41 -6.52 -12.74
CA THR A 62 -6.00 -5.45 -13.53
C THR A 62 -5.47 -5.44 -14.95
N SER A 63 -6.34 -5.08 -15.89
CA SER A 63 -5.96 -4.82 -17.28
C SER A 63 -5.77 -3.34 -17.57
N LEU A 64 -6.02 -2.48 -16.59
CA LEU A 64 -5.85 -1.04 -16.78
C LEU A 64 -4.38 -0.68 -16.94
N ALA A 65 -4.15 0.41 -17.66
CA ALA A 65 -2.83 1.00 -17.69
C ALA A 65 -2.49 1.58 -16.31
N PRO A 66 -1.20 1.69 -15.99
CA PRO A 66 -0.85 2.14 -14.62
C PRO A 66 -1.37 3.53 -14.28
N GLU A 67 -1.34 4.47 -15.23
CA GLU A 67 -1.87 5.80 -14.93
C GLU A 67 -3.39 5.77 -14.78
N GLU A 68 -4.07 4.85 -15.47
CA GLU A 68 -5.49 4.66 -15.26
C GLU A 68 -5.76 4.13 -13.85
N LEU A 69 -4.95 3.18 -13.39
CA LEU A 69 -5.11 2.70 -12.03
C LEU A 69 -4.95 3.83 -11.02
N LEU A 70 -3.95 4.69 -11.21
CA LEU A 70 -3.75 5.80 -10.30
C LEU A 70 -4.96 6.72 -10.28
N ASN A 71 -5.55 6.97 -11.45
CA ASN A 71 -6.77 7.77 -11.51
C ASN A 71 -7.84 7.19 -10.59
N HIS A 72 -7.95 5.86 -10.55
CA HIS A 72 -8.97 5.24 -9.71
C HIS A 72 -8.60 5.29 -8.24
N THR A 73 -7.34 5.04 -7.90
CA THR A 73 -6.94 5.15 -6.50
C THR A 73 -7.12 6.58 -5.99
N GLN A 74 -6.75 7.57 -6.81
CA GLN A 74 -6.94 8.96 -6.40
C GLN A 74 -8.42 9.31 -6.27
N ARG A 75 -9.25 8.82 -7.18
CA ARG A 75 -10.69 9.01 -7.05
C ARG A 75 -11.20 8.42 -5.73
N ILE A 76 -10.80 7.18 -5.43
CA ILE A 76 -11.26 6.54 -4.20
C ILE A 76 -10.83 7.35 -2.98
N GLU A 77 -9.60 7.84 -2.99
CA GLU A 77 -9.12 8.67 -1.89
C GLU A 77 -10.01 9.90 -1.71
N LEU A 78 -10.40 10.53 -2.82
CA LEU A 78 -11.25 11.72 -2.73
C LEU A 78 -12.64 11.37 -2.23
N GLN A 79 -13.18 10.23 -2.69
CA GLN A 79 -14.54 9.85 -2.32
C GLN A 79 -14.63 9.32 -0.90
N GLN A 80 -13.61 8.62 -0.42
CA GLN A 80 -13.68 7.93 0.86
C GLN A 80 -12.95 8.63 1.99
N GLY A 81 -12.15 9.67 1.70
CA GLY A 81 -11.32 10.28 2.73
C GLY A 81 -11.37 11.80 2.75
N ARG A 82 -10.43 12.43 3.44
CA ARG A 82 -10.43 13.90 3.51
C ARG A 82 -9.07 14.43 3.97
N VAL A 83 -9.02 15.77 4.12
CA VAL A 83 -7.89 16.59 4.56
C VAL A 83 -7.23 17.23 3.34
N GLU A 87 -2.32 15.85 6.25
CA GLU A 87 -1.21 16.66 5.76
C GLU A 87 0.13 15.96 5.96
N ARG A 88 1.22 16.70 5.75
CA ARG A 88 2.53 16.13 5.44
C ARG A 88 2.86 14.85 6.22
N TRP A 89 2.76 14.89 7.54
CA TRP A 89 3.07 13.74 8.39
C TRP A 89 1.86 13.24 9.16
N GLY A 90 0.72 13.29 8.50
CA GLY A 90 -0.50 12.80 9.10
C GLY A 90 -1.16 13.82 9.99
N PRO A 91 -2.36 13.49 10.51
CA PRO A 91 -3.01 12.20 10.28
C PRO A 91 -3.61 12.04 8.89
N ARG A 92 -3.91 10.80 8.50
CA ARG A 92 -4.36 10.48 7.16
C ARG A 92 -5.72 9.78 7.21
N THR A 93 -6.69 10.31 6.47
CA THR A 93 -7.97 9.61 6.36
C THR A 93 -7.83 8.32 5.57
N LEU A 94 -7.23 8.39 4.38
CA LEU A 94 -7.04 7.19 3.58
C LEU A 94 -6.02 7.46 2.48
N ASP A 95 -4.96 6.65 2.45
CA ASP A 95 -3.95 6.70 1.42
C ASP A 95 -3.90 5.38 0.67
N LEU A 96 -3.76 5.47 -0.64
CA LEU A 96 -3.59 4.31 -1.50
C LEU A 96 -2.35 4.52 -2.35
N ASP A 97 -1.34 3.67 -2.16
CA ASP A 97 -0.07 3.76 -2.87
C ASP A 97 0.07 2.57 -3.80
N ILE A 98 0.43 2.82 -5.05
CA ILE A 98 0.80 1.75 -5.99
C ILE A 98 2.25 1.39 -5.68
N MET A 99 2.46 0.27 -4.99
CA MET A 99 3.82 -0.16 -4.67
C MET A 99 4.51 -0.75 -5.89
N LEU A 100 3.84 -1.70 -6.56
CA LEU A 100 4.37 -2.35 -7.74
C LEU A 100 3.26 -2.46 -8.78
N PHE A 101 3.65 -2.43 -10.04
CA PHE A 101 2.70 -2.61 -11.15
C PHE A 101 3.31 -3.64 -12.09
N GLY A 102 2.91 -4.90 -11.92
CA GLY A 102 3.61 -5.96 -12.62
C GLY A 102 5.10 -5.81 -12.42
N ASN A 103 5.84 -5.98 -13.51
CA ASN A 103 7.28 -5.80 -13.50
C ASN A 103 7.70 -4.45 -14.07
N GLU A 104 6.76 -3.51 -14.17
CA GLU A 104 7.03 -2.26 -14.88
C GLU A 104 7.77 -1.27 -14.01
N VAL A 105 8.63 -0.49 -14.65
CA VAL A 105 9.31 0.65 -14.05
C VAL A 105 8.69 1.90 -14.63
N ILE A 106 8.23 2.81 -13.77
CA ILE A 106 7.53 4.02 -14.20
C ILE A 106 8.12 5.20 -13.47
N ASN A 107 8.54 6.22 -14.24
CA ASN A 107 9.08 7.45 -13.67
C ASN A 107 8.48 8.61 -14.47
N THR A 108 7.31 9.07 -14.05
CA THR A 108 6.64 10.19 -14.68
C THR A 108 6.37 11.26 -13.63
N GLU A 109 5.87 12.40 -14.11
CA GLU A 109 5.50 13.47 -13.18
C GLU A 109 4.50 12.98 -12.14
N ARG A 110 3.57 12.12 -12.56
CA ARG A 110 2.50 11.67 -11.67
C ARG A 110 2.85 10.40 -10.92
N LEU A 111 3.68 9.54 -11.50
CA LEU A 111 3.76 8.16 -11.04
C LEU A 111 5.20 7.68 -11.01
N THR A 112 5.62 7.19 -9.84
CA THR A 112 6.89 6.52 -9.66
C THR A 112 6.61 5.11 -9.16
N VAL A 113 6.97 4.12 -9.95
CA VAL A 113 6.79 2.72 -9.61
C VAL A 113 8.12 2.01 -9.89
N PRO A 114 8.64 1.19 -8.96
CA PRO A 114 8.17 0.94 -7.59
C PRO A 114 8.06 2.21 -6.75
N HIS A 115 7.17 2.18 -5.76
CA HIS A 115 6.93 3.33 -4.90
C HIS A 115 8.26 3.88 -4.37
N TYR A 116 8.36 5.21 -4.37
CA TYR A 116 9.64 5.88 -4.20
C TYR A 116 10.27 5.63 -2.83
N ASP A 117 9.48 5.31 -1.81
CA ASP A 117 10.02 5.20 -0.46
C ASP A 117 9.64 3.91 0.24
N MET A 118 9.04 2.94 -0.45
CA MET A 118 8.60 1.74 0.24
C MET A 118 9.76 0.98 0.87
N LYS A 119 10.94 1.05 0.24
N LYS A 119 10.94 1.03 0.26
CA LYS A 119 12.12 0.37 0.77
CA LYS A 119 12.05 0.27 0.84
C LYS A 119 12.46 0.82 2.18
C LYS A 119 12.53 0.84 2.17
N ASN A 120 12.00 2.00 2.58
CA ASN A 120 12.28 2.57 3.89
C ASN A 120 11.14 2.39 4.90
N ARG A 121 10.05 1.72 4.52
CA ARG A 121 8.83 1.71 5.33
C ARG A 121 8.43 0.28 5.65
N GLY A 122 8.71 -0.14 6.88
CA GLY A 122 8.29 -1.45 7.31
C GLY A 122 6.79 -1.65 7.24
N PHE A 123 6.01 -0.58 7.47
CA PHE A 123 4.56 -0.73 7.40
C PHE A 123 4.05 -0.97 5.98
N MET A 124 4.88 -0.75 4.96
CA MET A 124 4.58 -1.17 3.59
C MET A 124 5.18 -2.52 3.25
N LEU A 125 6.40 -2.79 3.71
CA LEU A 125 7.10 -4.00 3.29
C LEU A 125 6.55 -5.25 3.96
N TRP A 126 6.23 -5.17 5.25
CA TRP A 126 5.83 -6.36 5.96
C TRP A 126 4.46 -6.86 5.48
N PRO A 127 3.45 -6.00 5.31
CA PRO A 127 2.18 -6.53 4.76
C PRO A 127 2.36 -7.11 3.37
N LEU A 128 3.24 -6.50 2.56
CA LEU A 128 3.51 -7.04 1.23
C LEU A 128 4.19 -8.40 1.31
N PHE A 129 5.13 -8.57 2.24
CA PHE A 129 5.83 -9.84 2.41
C PHE A 129 4.88 -10.95 2.85
N GLU A 130 3.83 -10.61 3.59
CA GLU A 130 2.84 -11.61 3.98
C GLU A 130 2.19 -12.24 2.76
N ILE A 131 1.80 -11.42 1.77
CA ILE A 131 1.05 -11.93 0.63
C ILE A 131 1.92 -12.24 -0.58
N ALA A 132 3.20 -11.85 -0.56
CA ALA A 132 4.09 -12.06 -1.70
C ALA A 132 5.53 -12.25 -1.20
N PRO A 133 5.77 -13.28 -0.39
CA PRO A 133 7.11 -13.43 0.21
C PRO A 133 8.23 -13.61 -0.78
N GLU A 134 7.96 -14.12 -1.98
CA GLU A 134 8.97 -14.37 -2.99
C GLU A 134 9.13 -13.22 -3.97
N LEU A 135 8.58 -12.05 -3.65
CA LEU A 135 8.54 -10.96 -4.62
C LEU A 135 9.93 -10.48 -4.98
N VAL A 136 10.14 -10.26 -6.27
CA VAL A 136 11.36 -9.68 -6.82
C VAL A 136 10.99 -8.38 -7.52
N PHE A 137 11.72 -7.32 -7.21
CA PHE A 137 11.50 -6.03 -7.84
C PHE A 137 12.05 -6.01 -9.26
N PRO A 138 11.60 -5.07 -10.09
CA PRO A 138 12.06 -5.07 -11.49
C PRO A 138 13.57 -5.04 -11.65
N ASP A 139 14.28 -4.39 -10.73
CA ASP A 139 15.73 -4.29 -10.83
C ASP A 139 16.44 -5.52 -10.26
N GLY A 140 15.69 -6.51 -9.79
CA GLY A 140 16.27 -7.73 -9.27
C GLY A 140 16.43 -7.75 -7.77
N GLU A 141 16.12 -6.67 -7.07
CA GLU A 141 16.10 -6.73 -5.62
C GLU A 141 14.99 -7.65 -5.14
N MET A 142 15.21 -8.28 -3.98
CA MET A 142 14.27 -9.22 -3.41
C MET A 142 13.63 -8.60 -2.17
N LEU A 143 12.30 -8.68 -2.08
CA LEU A 143 11.60 -8.14 -0.91
C LEU A 143 12.14 -8.79 0.36
N ARG A 144 12.33 -10.10 0.35
N ARG A 144 12.34 -10.09 0.34
CA ARG A 144 12.88 -10.79 1.51
CA ARG A 144 12.84 -10.77 1.51
C ARG A 144 14.23 -10.21 1.92
C ARG A 144 14.19 -10.22 1.94
N GLN A 145 15.06 -9.85 0.95
N GLN A 145 15.03 -9.87 0.97
CA GLN A 145 16.40 -9.36 1.28
CA GLN A 145 16.34 -9.39 1.36
C GLN A 145 16.32 -7.96 1.88
C GLN A 145 16.29 -7.98 1.91
N ILE A 146 15.40 -7.13 1.39
CA ILE A 146 15.27 -5.78 1.95
C ILE A 146 14.92 -5.86 3.42
N LEU A 147 13.97 -6.74 3.76
CA LEU A 147 13.57 -6.92 5.15
C LEU A 147 14.72 -7.46 5.99
N HIS A 148 15.50 -8.38 5.41
CA HIS A 148 16.65 -8.97 6.10
C HIS A 148 17.74 -7.93 6.31
N THR A 149 18.04 -7.13 5.29
CA THR A 149 19.08 -6.13 5.40
C THR A 149 18.73 -5.07 6.45
N ARG A 150 17.47 -4.59 6.43
CA ARG A 150 17.10 -3.43 7.24
C ARG A 150 16.61 -3.79 8.64
N ALA A 151 16.23 -5.05 8.88
CA ALA A 151 15.80 -5.48 10.21
C ALA A 151 14.68 -4.60 10.76
N PHE A 152 13.71 -4.28 9.92
CA PHE A 152 12.53 -3.56 10.36
C PHE A 152 11.76 -4.37 11.40
N ASP A 153 11.33 -3.72 12.48
CA ASP A 153 10.52 -4.39 13.48
C ASP A 153 9.29 -5.01 12.86
N LYS A 154 9.01 -6.25 13.24
CA LYS A 154 7.77 -6.90 12.79
C LYS A 154 6.56 -6.14 13.33
N LEU A 155 5.44 -6.32 12.65
CA LEU A 155 4.25 -5.54 12.94
C LEU A 155 3.25 -6.35 13.76
N ASN A 156 2.49 -5.63 14.59
CA ASN A 156 1.37 -6.20 15.30
C ASN A 156 0.11 -6.11 14.45
N LYS A 157 -0.69 -7.16 14.48
CA LYS A 157 -1.96 -7.13 13.76
C LYS A 157 -2.96 -6.22 14.46
N TRP A 158 -3.91 -5.71 13.69
CA TRP A 158 -4.90 -4.78 14.18
C TRP A 158 -5.75 -5.42 15.27
C01 H73 B . 3.75 8.98 -0.13
C1 H73 B . 1.62 12.18 -4.81
C10 H73 B . 1.23 12.43 -3.39
C11 H73 B . 0.82 9.43 -2.55
C12 H73 B . 2.23 9.45 -1.98
C13 H73 B . 2.28 9.27 -0.44
C14 H73 B . 0.10 8.44 -0.33
C15 H73 B . -0.06 8.45 -1.81
C16 H73 B . 1.60 7.87 1.31
C18 H73 B . 1.72 9.07 4.69
C19 H73 B . 2.32 4.76 9.25
C2 H73 B . 0.37 12.13 -5.75
C20 H73 B . 1.25 5.00 7.06
C21 H73 B . 2.11 8.27 5.90
C22 H73 B . 2.86 8.92 7.04
C23 H73 B . 2.20 10.19 7.57
C24 H73 B . 4.23 9.27 6.66
C25 H73 B . 2.53 6.75 8.18
C26 H73 B . 1.78 6.34 7.10
C27 H73 B . 1.19 8.97 2.35
C3 H73 B . 0.75 11.08 -6.88
C4 H73 B . 2.17 10.70 -6.43
C5 H73 B . 3.88 9.02 -7.21
C6 H73 B . 2.96 7.14 -6.68
C7 H73 B . 2.57 5.83 -6.43
C8 H73 B . 0.60 6.62 -5.51
C9 H73 B . 2.05 8.16 -6.27
N1 H73 B . 2.63 9.36 -6.63
N10 H73 B . 1.57 4.23 8.22
N11 H73 B . 1.50 7.13 5.99
N12 H73 B . 3.02 8.04 8.21
N2 H73 B . 4.10 7.70 -7.26
N28 H73 B . 1.08 8.47 3.68
N3 H73 B . 3.36 4.75 -6.78
N4 H73 B . 1.37 5.56 -5.85
N5 H73 B . 0.85 7.93 -5.69
N6 H73 B . 1.41 8.12 -0.02
N8 H73 B . 2.82 5.99 9.29
N9 H73 B . 2.56 3.92 10.31
O01 H73 B . 4.07 7.75 -0.17
O03 H73 B . 4.49 9.93 0.14
O1 H73 B . 2.24 10.96 -5.03
O2 H73 B . 0.09 13.37 -6.26
O3 H73 B . 0.85 11.73 -8.13
O4 H73 B . 2.03 10.27 4.65
O5 H73 B . 0.58 4.45 6.22
S1 H73 B . 0.17 11.20 -2.52
H1 H73 B . 2.40 12.96 -5.05
H10A H73 B . 2.15 12.57 -2.78
H10 H73 B . 0.72 13.41 -3.32
H11 H73 B . 0.76 9.08 -3.60
H12 H73 B . 2.87 8.67 -2.46
H12A H73 B . 2.76 10.38 -2.25
H02 H73 B . 2.00 10.21 0.11
H14A H73 B . -0.18 9.44 0.09
H14 H73 B . -0.61 7.71 0.13
H15A H73 B . -1.12 8.65 -2.05
H15 H73 B . 0.10 7.43 -2.19
H16 H73 B . 1.06 6.92 1.54
H16A H73 B . 2.68 7.61 1.44
H2 H73 B . -0.47 11.82 -5.09
H23B H73 B . 2.79 10.64 8.37
H23A H73 B . 1.21 9.98 7.97
H23 H73 B . 2.09 10.93 6.79
H24A H73 B . 4.77 8.36 6.35
H24B H73 B . 4.75 9.72 7.52
H24 H73 B . 4.21 9.97 5.83
H27 H73 B . 0.22 9.42 2.05
H27A H73 B . 1.96 9.78 2.35
H3 H73 B . 0.02 10.24 -6.96
H4 H73 B . 2.85 11.34 -7.06
H5 H73 B . 4.59 9.75 -7.56
H8 H73 B . -0.35 6.35 -5.03
HN10 H73 B . 1.23 3.28 8.26
HN12 H73 B . 2.88 8.49 9.10
HN28 H73 B . 0.48 7.65 3.84
HN3A H73 B . 3.08 4.20 -7.56
HN3 H73 B . 4.19 4.56 -6.24
HN9 H73 B . 3.30 3.25 10.28
HN9A H73 B . 1.98 3.97 11.12
HO2 H73 B . -0.70 13.24 -6.81
HO3 H73 B . -0.02 11.77 -8.51
#